data_7X9G
#
_entry.id   7X9G
#
_cell.length_a   87.169
_cell.length_b   87.169
_cell.length_c   156.354
_cell.angle_alpha   90.000
_cell.angle_beta   90.000
_cell.angle_gamma   120.000
#
_symmetry.space_group_name_H-M   'H 3'
#
loop_
_entity.id
_entity.type
_entity.pdbx_description
1 polymer 'Ectodysplasin-A, secreted form'
2 polymer 'Tumor necrosis factor receptor superfamily member EDAR'
#
loop_
_entity_poly.entity_id
_entity_poly.type
_entity_poly.pdbx_seq_one_letter_code
_entity_poly.pdbx_strand_id
1 'polypeptide(L)'
;GPSGAADKAGTRENQPAVVHLQGQGSAIQVKNDLSGGVLNDWSRITMNPKVFKLHPRSGELEVLVDGTYFIYSQVEVYYI
NFTDFASYEVVVDEKPFLQCTRSIETGKTNYNTCYTAGVCLLKARQKIAVKMVHADISINMSKHTTFFGAIRLGEAPAS
;
A,B
2 'polypeptide(L)'
;YSNCGENEYYNQTTGLCQECPPCGPGEEPYLSCGYGTKDEDYGCVPCPAEKFSKGGYQICRRHKDCEGFFRATVLTPGDM
ENDAECGPCLPGYYMLENRPRNIYGMVCYSCLLAPPNTKECVG
;
C
#
# COMPACT_ATOMS: atom_id res chain seq x y z
N GLN A 15 -17.08 -13.65 5.79
CA GLN A 15 -18.25 -13.76 4.88
C GLN A 15 -18.33 -12.53 3.99
N PRO A 16 -18.78 -11.36 4.48
CA PRO A 16 -18.96 -10.16 3.65
C PRO A 16 -17.73 -9.64 2.89
N ALA A 17 -17.95 -9.18 1.67
CA ALA A 17 -16.86 -8.70 0.80
C ALA A 17 -16.90 -7.18 0.69
N VAL A 18 -15.77 -6.52 0.97
CA VAL A 18 -15.77 -5.06 0.96
C VAL A 18 -14.76 -4.44 -0.05
N VAL A 19 -14.82 -3.10 -0.21
CA VAL A 19 -13.92 -2.32 -1.03
C VAL A 19 -13.84 -0.91 -0.47
N HIS A 20 -12.64 -0.37 -0.35
CA HIS A 20 -12.41 1.01 0.03
C HIS A 20 -11.32 1.59 -0.88
N LEU A 21 -11.66 2.65 -1.61
CA LEU A 21 -10.80 3.39 -2.54
C LEU A 21 -10.59 4.78 -1.97
N GLN A 22 -9.38 5.33 -2.14
CA GLN A 22 -8.98 6.65 -1.63
C GLN A 22 -8.50 7.52 -2.79
N GLY A 23 -8.59 8.84 -2.65
CA GLY A 23 -8.07 9.74 -3.66
C GLY A 23 -6.55 9.67 -3.67
N GLN A 24 -5.92 10.05 -4.79
CA GLN A 24 -4.45 9.96 -4.93
C GLN A 24 -3.74 11.30 -4.74
N GLY A 25 -4.07 12.07 -3.69
CA GLY A 25 -3.35 13.32 -3.38
C GLY A 25 -3.74 14.51 -4.23
N SER A 26 -3.50 14.46 -5.54
CA SER A 26 -3.76 15.61 -6.40
C SER A 26 -5.13 16.29 -6.27
N ALA A 27 -5.15 17.58 -6.65
CA ALA A 27 -6.30 18.46 -6.62
C ALA A 27 -6.91 18.57 -8.02
N ILE A 28 -8.09 17.97 -8.21
CA ILE A 28 -8.79 17.96 -9.49
C ILE A 28 -9.60 19.26 -9.70
N GLN A 29 -9.76 19.71 -10.98
CA GLN A 29 -10.50 20.93 -11.26
C GLN A 29 -11.32 19.97 -12.15
N VAL A 30 -12.63 19.80 -11.90
CA VAL A 30 -13.60 18.99 -12.65
C VAL A 30 -13.80 19.32 -14.16
N LYS A 31 -13.87 20.60 -14.52
CA LYS A 31 -14.07 21.01 -15.91
C LYS A 31 -12.84 20.75 -16.79
N ASN A 32 -11.64 20.65 -16.18
CA ASN A 32 -10.42 20.46 -16.95
C ASN A 32 -9.73 19.11 -16.71
N ASP A 33 -10.02 18.42 -15.57
CA ASP A 33 -9.32 17.17 -15.25
C ASP A 33 -10.14 15.90 -15.38
N LEU A 34 -11.46 16.01 -15.61
CA LEU A 34 -12.35 14.85 -15.68
C LEU A 34 -13.18 14.76 -16.98
N SER A 35 -13.61 13.56 -17.34
CA SER A 35 -14.46 13.37 -18.53
C SER A 35 -15.89 13.09 -18.08
N GLY A 36 -16.73 14.12 -18.08
CA GLY A 36 -18.11 13.99 -17.66
C GLY A 36 -18.32 14.11 -16.16
N GLY A 37 -17.29 14.51 -15.43
CA GLY A 37 -17.37 14.68 -13.99
C GLY A 37 -17.08 13.42 -13.20
N VAL A 38 -16.78 12.30 -13.86
CA VAL A 38 -16.52 11.05 -13.17
C VAL A 38 -15.12 11.00 -12.59
N LEU A 39 -15.01 10.81 -11.26
CA LEU A 39 -13.74 10.71 -10.57
C LEU A 39 -13.13 9.36 -10.90
N ASN A 40 -11.93 9.35 -11.47
CA ASN A 40 -11.28 8.12 -11.96
C ASN A 40 -10.01 7.71 -11.21
N ASP A 41 -9.32 8.67 -10.59
CA ASP A 41 -8.06 8.35 -9.92
C ASP A 41 -8.28 7.80 -8.52
N TRP A 42 -8.73 6.54 -8.43
CA TRP A 42 -8.97 5.90 -7.14
C TRP A 42 -7.86 4.92 -6.78
N SER A 43 -7.26 5.11 -5.62
CA SER A 43 -6.21 4.26 -5.10
C SER A 43 -6.88 3.18 -4.26
N ARG A 44 -6.79 1.90 -4.66
CA ARG A 44 -7.43 0.82 -3.88
C ARG A 44 -6.60 0.50 -2.64
N ILE A 45 -7.21 0.50 -1.45
CA ILE A 45 -6.49 0.09 -0.24
C ILE A 45 -7.02 -1.27 0.30
N THR A 46 -8.28 -1.57 0.04
CA THR A 46 -8.87 -2.86 0.37
C THR A 46 -9.89 -3.16 -0.71
N MET A 47 -9.87 -4.40 -1.22
CA MET A 47 -10.79 -4.80 -2.27
C MET A 47 -10.80 -6.30 -2.49
N ASN A 48 -11.99 -6.86 -2.67
CA ASN A 48 -12.13 -8.25 -3.04
C ASN A 48 -12.25 -8.22 -4.57
N PRO A 49 -11.25 -8.74 -5.30
CA PRO A 49 -11.35 -8.74 -6.76
C PRO A 49 -12.40 -9.72 -7.30
N LYS A 50 -12.90 -10.65 -6.46
CA LYS A 50 -13.94 -11.62 -6.80
C LYS A 50 -15.35 -11.00 -6.82
N VAL A 51 -15.56 -9.93 -6.03
CA VAL A 51 -16.84 -9.23 -5.98
C VAL A 51 -16.75 -7.85 -6.64
N PHE A 52 -15.58 -7.22 -6.60
CA PHE A 52 -15.39 -5.89 -7.16
C PHE A 52 -14.32 -5.82 -8.23
N LYS A 53 -14.43 -4.86 -9.15
CA LYS A 53 -13.45 -4.66 -10.22
C LYS A 53 -13.25 -3.15 -10.44
N LEU A 54 -12.00 -2.69 -10.54
CA LEU A 54 -11.73 -1.26 -10.68
C LEU A 54 -11.17 -0.85 -12.07
N HIS A 55 -11.90 0.04 -12.73
CA HIS A 55 -11.53 0.59 -14.01
C HIS A 55 -10.88 1.93 -13.75
N PRO A 56 -9.56 2.04 -13.98
CA PRO A 56 -8.87 3.28 -13.63
C PRO A 56 -9.13 4.46 -14.55
N ARG A 57 -9.15 4.22 -15.87
CA ARG A 57 -9.35 5.30 -16.88
C ARG A 57 -10.80 5.82 -16.84
N SER A 58 -11.75 5.02 -16.34
CA SER A 58 -13.16 5.43 -16.30
C SER A 58 -13.66 5.79 -14.90
N GLY A 59 -12.97 5.31 -13.87
CA GLY A 59 -13.33 5.58 -12.49
C GLY A 59 -14.53 4.79 -11.99
N GLU A 60 -14.87 3.72 -12.69
CA GLU A 60 -16.01 2.88 -12.33
C GLU A 60 -15.59 1.77 -11.39
N LEU A 61 -16.53 1.36 -10.56
CA LEU A 61 -16.36 0.28 -9.59
C LEU A 61 -17.44 -0.73 -9.92
N GLU A 62 -17.04 -1.80 -10.60
CA GLU A 62 -17.97 -2.82 -11.04
C GLU A 62 -18.21 -3.90 -10.01
N VAL A 63 -19.46 -4.29 -9.81
CA VAL A 63 -19.79 -5.39 -8.92
C VAL A 63 -19.93 -6.61 -9.84
N LEU A 64 -19.25 -7.69 -9.51
CA LEU A 64 -19.20 -8.86 -10.36
C LEU A 64 -20.25 -9.93 -10.05
N VAL A 65 -20.99 -9.77 -8.96
CA VAL A 65 -22.01 -10.74 -8.53
C VAL A 65 -23.32 -10.03 -8.14
N ASP A 66 -24.44 -10.78 -8.11
CA ASP A 66 -25.70 -10.24 -7.63
C ASP A 66 -25.57 -9.99 -6.11
N GLY A 67 -26.30 -9.01 -5.59
CA GLY A 67 -26.24 -8.74 -4.16
C GLY A 67 -26.90 -7.48 -3.65
N THR A 68 -26.84 -7.33 -2.32
CA THR A 68 -27.37 -6.21 -1.59
C THR A 68 -26.15 -5.41 -1.21
N TYR A 69 -26.03 -4.19 -1.71
CA TYR A 69 -24.84 -3.39 -1.47
C TYR A 69 -25.10 -2.13 -0.68
N PHE A 70 -24.19 -1.84 0.24
CA PHE A 70 -24.16 -0.60 0.97
C PHE A 70 -23.03 0.16 0.28
N ILE A 71 -23.32 1.25 -0.40
CA ILE A 71 -22.33 2.00 -1.14
C ILE A 71 -22.12 3.34 -0.48
N TYR A 72 -20.89 3.77 -0.31
CA TYR A 72 -20.60 5.07 0.28
C TYR A 72 -19.51 5.81 -0.49
N SER A 73 -19.50 7.12 -0.35
CA SER A 73 -18.54 7.98 -1.01
C SER A 73 -18.35 9.24 -0.21
N GLN A 74 -17.21 9.89 -0.36
CA GLN A 74 -16.95 11.17 0.27
C GLN A 74 -16.06 11.98 -0.65
N VAL A 75 -16.47 13.20 -0.99
CA VAL A 75 -15.67 14.05 -1.87
C VAL A 75 -15.31 15.38 -1.20
N GLU A 76 -14.01 15.71 -1.15
CA GLU A 76 -13.59 16.96 -0.52
C GLU A 76 -13.53 18.11 -1.50
N VAL A 77 -14.49 19.01 -1.41
CA VAL A 77 -14.56 20.17 -2.28
C VAL A 77 -13.86 21.32 -1.54
N TYR A 78 -12.91 22.01 -2.21
CA TYR A 78 -12.21 23.10 -1.56
C TYR A 78 -12.39 24.47 -2.23
N TYR A 79 -12.95 24.52 -3.44
CA TYR A 79 -13.15 25.80 -4.15
C TYR A 79 -14.32 25.71 -5.12
N ILE A 80 -15.00 26.83 -5.36
CA ILE A 80 -16.14 26.87 -6.27
C ILE A 80 -16.15 28.19 -7.04
N ASN A 81 -16.50 28.15 -8.34
CA ASN A 81 -16.53 29.35 -9.15
C ASN A 81 -17.93 29.63 -9.74
N PHE A 82 -18.40 30.89 -9.57
CA PHE A 82 -19.68 31.47 -10.03
C PHE A 82 -20.90 30.52 -9.97
N THR A 83 -20.98 29.63 -8.96
CA THR A 83 -22.09 28.67 -8.87
C THR A 83 -22.62 28.52 -7.44
N ASP A 84 -21.71 28.64 -6.44
CA ASP A 84 -22.00 28.45 -5.00
C ASP A 84 -22.78 27.16 -4.71
N PHE A 85 -22.74 26.18 -5.61
CA PHE A 85 -23.48 24.95 -5.46
C PHE A 85 -22.61 23.80 -5.90
N ALA A 86 -21.94 23.17 -4.95
CA ALA A 86 -21.11 22.02 -5.24
C ALA A 86 -21.98 20.77 -5.04
N SER A 87 -22.01 19.88 -6.02
CA SER A 87 -22.82 18.66 -5.93
C SER A 87 -22.21 17.49 -6.69
N TYR A 88 -22.59 16.27 -6.31
CA TYR A 88 -22.14 15.03 -6.97
C TYR A 88 -23.15 13.91 -6.77
N GLU A 89 -23.06 12.85 -7.59
CA GLU A 89 -23.97 11.73 -7.48
C GLU A 89 -23.25 10.38 -7.48
N VAL A 90 -23.83 9.43 -6.74
CA VAL A 90 -23.35 8.07 -6.78
C VAL A 90 -24.27 7.45 -7.85
N VAL A 91 -23.71 7.17 -9.03
CA VAL A 91 -24.49 6.64 -10.14
C VAL A 91 -24.19 5.17 -10.40
N VAL A 92 -25.20 4.42 -10.84
CA VAL A 92 -25.13 2.99 -11.20
C VAL A 92 -25.57 2.89 -12.65
N ASP A 93 -24.64 2.58 -13.53
CA ASP A 93 -24.91 2.48 -14.96
C ASP A 93 -25.39 3.83 -15.54
N GLU A 94 -24.77 4.93 -15.03
CA GLU A 94 -25.02 6.34 -15.35
C GLU A 94 -26.34 6.88 -14.76
N LYS A 95 -27.13 6.02 -14.05
CA LYS A 95 -28.40 6.39 -13.41
C LYS A 95 -28.15 6.72 -11.94
N PRO A 96 -28.52 7.95 -11.50
CA PRO A 96 -28.27 8.33 -10.08
C PRO A 96 -28.97 7.47 -9.04
N PHE A 97 -28.42 7.45 -7.82
CA PHE A 97 -28.96 6.67 -6.71
C PHE A 97 -28.89 7.56 -5.45
N LEU A 98 -27.71 8.12 -5.19
CA LEU A 98 -27.52 9.05 -4.08
C LEU A 98 -27.02 10.36 -4.68
N GLN A 99 -27.25 11.45 -3.96
CA GLN A 99 -26.79 12.76 -4.39
C GLN A 99 -26.43 13.65 -3.20
N CYS A 100 -25.19 14.15 -3.19
CA CYS A 100 -24.72 15.00 -2.11
C CYS A 100 -24.58 16.46 -2.57
N THR A 101 -25.29 17.37 -1.92
CA THR A 101 -25.23 18.79 -2.27
C THR A 101 -24.62 19.60 -1.14
N ARG A 102 -23.97 20.70 -1.49
CA ARG A 102 -23.25 21.53 -0.55
C ARG A 102 -23.08 22.95 -1.09
N SER A 103 -23.76 23.93 -0.49
CA SER A 103 -23.62 25.32 -0.90
C SER A 103 -22.41 25.91 -0.19
N ILE A 104 -21.50 26.50 -0.97
CA ILE A 104 -20.25 27.08 -0.47
C ILE A 104 -20.08 28.53 -0.94
N GLU A 105 -19.37 29.38 -0.17
CA GLU A 105 -19.09 30.75 -0.61
C GLU A 105 -18.14 30.68 -1.81
N THR A 106 -18.54 31.31 -2.91
CA THR A 106 -17.77 31.27 -4.13
C THR A 106 -16.55 32.20 -4.08
N GLY A 107 -15.53 31.84 -4.87
CA GLY A 107 -14.28 32.60 -4.98
C GLY A 107 -13.42 32.60 -3.74
N LYS A 108 -13.62 31.63 -2.87
CA LYS A 108 -12.86 31.51 -1.65
C LYS A 108 -12.59 30.02 -1.35
N THR A 109 -11.36 29.71 -0.87
CA THR A 109 -11.05 28.33 -0.54
C THR A 109 -11.76 27.98 0.76
N ASN A 110 -12.63 26.96 0.70
CA ASN A 110 -13.40 26.47 1.82
C ASN A 110 -13.31 24.97 1.76
N TYR A 111 -12.46 24.37 2.61
CA TYR A 111 -12.36 22.92 2.62
C TYR A 111 -13.55 22.38 3.35
N ASN A 112 -14.17 21.36 2.78
CA ASN A 112 -15.31 20.66 3.37
C ASN A 112 -15.60 19.36 2.63
N THR A 113 -15.54 18.25 3.38
CA THR A 113 -15.83 16.90 2.91
C THR A 113 -17.33 16.68 2.78
N CYS A 114 -17.73 15.90 1.78
CA CYS A 114 -19.12 15.66 1.43
C CYS A 114 -19.41 14.19 1.38
N TYR A 115 -20.11 13.66 2.40
CA TYR A 115 -20.41 12.24 2.53
C TYR A 115 -21.86 11.86 2.22
N THR A 116 -22.03 10.74 1.53
CA THR A 116 -23.34 10.16 1.25
C THR A 116 -23.17 8.62 1.16
N ALA A 117 -24.19 7.87 1.59
CA ALA A 117 -24.15 6.41 1.58
C ALA A 117 -25.55 5.85 1.57
N GLY A 118 -25.74 4.68 0.94
CA GLY A 118 -27.06 4.08 0.86
C GLY A 118 -27.05 2.63 0.48
N VAL A 119 -28.16 1.95 0.71
CA VAL A 119 -28.28 0.55 0.36
C VAL A 119 -29.10 0.35 -0.94
N CYS A 120 -28.70 -0.60 -1.78
CA CYS A 120 -29.43 -0.90 -3.02
C CYS A 120 -29.15 -2.31 -3.52
N LEU A 121 -30.08 -2.89 -4.27
CA LEU A 121 -29.86 -4.21 -4.84
C LEU A 121 -29.24 -4.05 -6.20
N LEU A 122 -28.20 -4.84 -6.47
CA LEU A 122 -27.47 -4.75 -7.73
C LEU A 122 -27.35 -6.09 -8.38
N LYS A 123 -27.34 -6.10 -9.70
CA LYS A 123 -27.14 -7.34 -10.46
C LYS A 123 -25.66 -7.43 -10.90
N ALA A 124 -25.18 -8.63 -11.25
CA ALA A 124 -23.80 -8.81 -11.70
C ALA A 124 -23.49 -7.93 -12.93
N ARG A 125 -22.28 -7.36 -12.97
CA ARG A 125 -21.72 -6.50 -14.01
C ARG A 125 -22.15 -5.03 -13.92
N GLN A 126 -22.91 -4.64 -12.90
CA GLN A 126 -23.33 -3.24 -12.76
C GLN A 126 -22.17 -2.37 -12.27
N LYS A 127 -21.93 -1.24 -12.95
CA LYS A 127 -20.82 -0.36 -12.57
C LYS A 127 -21.33 0.88 -11.80
N ILE A 128 -20.60 1.24 -10.73
CA ILE A 128 -20.88 2.36 -9.80
C ILE A 128 -19.82 3.43 -9.97
N ALA A 129 -20.20 4.71 -9.99
CA ALA A 129 -19.22 5.79 -10.13
C ALA A 129 -19.57 7.05 -9.30
N VAL A 130 -18.60 7.97 -9.10
CA VAL A 130 -18.85 9.24 -8.39
C VAL A 130 -18.82 10.36 -9.45
N LYS A 131 -19.98 10.93 -9.77
CA LYS A 131 -20.08 11.93 -10.81
C LYS A 131 -20.39 13.34 -10.32
N MET A 132 -19.43 14.23 -10.45
CA MET A 132 -19.56 15.64 -10.11
C MET A 132 -20.48 16.35 -11.08
N VAL A 133 -21.15 17.41 -10.61
CA VAL A 133 -21.98 18.21 -11.50
C VAL A 133 -21.05 19.08 -12.35
N HIS A 134 -21.47 19.40 -13.58
CA HIS A 134 -20.65 20.23 -14.44
C HIS A 134 -20.64 21.66 -13.92
N ALA A 135 -19.57 21.99 -13.18
CA ALA A 135 -19.34 23.30 -12.58
C ALA A 135 -17.82 23.50 -12.38
N ASP A 136 -17.36 24.76 -12.18
CA ASP A 136 -15.94 24.99 -11.96
C ASP A 136 -15.54 24.74 -10.49
N ILE A 137 -15.74 23.48 -10.05
CA ILE A 137 -15.46 23.02 -8.68
C ILE A 137 -14.02 22.52 -8.59
N SER A 138 -13.42 22.61 -7.39
CA SER A 138 -12.08 22.12 -7.13
C SER A 138 -12.19 21.04 -6.04
N ILE A 139 -11.62 19.86 -6.30
CA ILE A 139 -11.68 18.72 -5.38
C ILE A 139 -10.28 18.40 -4.90
N ASN A 140 -10.11 18.20 -3.60
CA ASN A 140 -8.82 17.84 -3.05
C ASN A 140 -8.87 16.34 -2.90
N MET A 141 -8.33 15.58 -3.87
CA MET A 141 -8.38 14.11 -3.77
C MET A 141 -7.35 13.56 -2.77
N SER A 142 -7.47 13.92 -1.49
CA SER A 142 -6.61 13.38 -0.45
C SER A 142 -7.03 11.91 -0.22
N LYS A 143 -6.09 11.10 0.29
CA LYS A 143 -6.41 9.71 0.58
C LYS A 143 -7.33 9.54 1.81
N HIS A 144 -7.50 10.60 2.62
CA HIS A 144 -8.32 10.50 3.82
C HIS A 144 -9.58 11.35 3.78
N THR A 145 -9.62 12.37 2.93
CA THR A 145 -10.82 13.20 2.80
C THR A 145 -11.71 12.79 1.60
N THR A 146 -11.15 12.10 0.61
CA THR A 146 -11.91 11.68 -0.56
C THR A 146 -11.85 10.17 -0.73
N PHE A 147 -12.97 9.49 -0.48
CA PHE A 147 -13.00 8.05 -0.60
C PHE A 147 -14.29 7.52 -1.29
N PHE A 148 -14.33 6.21 -1.58
CA PHE A 148 -15.40 5.56 -2.30
C PHE A 148 -15.30 4.06 -1.93
N GLY A 149 -16.37 3.49 -1.39
CA GLY A 149 -16.36 2.11 -0.99
C GLY A 149 -17.72 1.45 -1.06
N ALA A 150 -17.78 0.18 -0.63
CA ALA A 150 -18.99 -0.60 -0.68
C ALA A 150 -18.87 -1.87 0.17
N ILE A 151 -20.01 -2.36 0.64
CA ILE A 151 -20.06 -3.60 1.39
C ILE A 151 -21.12 -4.47 0.72
N ARG A 152 -20.75 -5.67 0.27
CA ARG A 152 -21.75 -6.60 -0.23
C ARG A 152 -22.31 -7.27 1.03
N LEU A 153 -23.50 -6.81 1.51
CA LEU A 153 -24.15 -7.33 2.72
C LEU A 153 -24.55 -8.79 2.58
N GLY A 154 -25.08 -9.15 1.41
CA GLY A 154 -25.51 -10.51 1.10
C GLY A 154 -26.07 -10.62 -0.31
N GLU A 155 -26.93 -11.62 -0.56
CA GLU A 155 -27.55 -11.82 -1.89
C GLU A 155 -28.76 -10.90 -2.09
N ALA A 156 -29.09 -10.62 -3.36
CA ALA A 156 -30.24 -9.80 -3.78
C ALA A 156 -31.38 -10.78 -4.00
N PRO A 157 -32.40 -10.75 -3.13
CA PRO A 157 -33.46 -11.77 -3.24
C PRO A 157 -34.40 -11.66 -4.45
N ALA A 158 -34.76 -12.83 -5.01
CA ALA A 158 -35.65 -13.03 -6.15
C ALA A 158 -35.28 -12.24 -7.40
N GLN B 15 20.31 -32.67 9.35
CA GLN B 15 21.07 -31.72 10.16
C GLN B 15 20.23 -30.51 10.59
N PRO B 16 20.90 -29.41 10.96
CA PRO B 16 20.16 -28.21 11.40
C PRO B 16 19.42 -27.47 10.29
N ALA B 17 18.29 -26.86 10.65
CA ALA B 17 17.47 -26.11 9.71
C ALA B 17 17.74 -24.61 9.84
N VAL B 18 17.93 -23.94 8.69
CA VAL B 18 18.18 -22.51 8.64
C VAL B 18 17.14 -21.82 7.71
N VAL B 19 17.08 -20.47 7.77
CA VAL B 19 16.20 -19.66 6.94
C VAL B 19 16.84 -18.30 6.74
N HIS B 20 16.79 -17.78 5.51
CA HIS B 20 17.37 -16.49 5.20
C HIS B 20 16.45 -15.71 4.28
N LEU B 21 15.63 -14.85 4.84
CA LEU B 21 14.72 -14.03 4.08
C LEU B 21 15.47 -12.81 3.54
N GLN B 22 14.98 -12.22 2.46
CA GLN B 22 15.63 -11.05 1.86
C GLN B 22 14.60 -9.98 1.46
N GLY B 23 15.07 -8.75 1.30
CA GLY B 23 14.23 -7.66 0.83
C GLY B 23 13.99 -7.89 -0.66
N GLN B 24 12.73 -7.84 -1.08
CA GLN B 24 12.38 -8.23 -2.46
C GLN B 24 12.67 -7.13 -3.49
N GLY B 25 13.26 -6.02 -3.07
CA GLY B 25 13.63 -5.04 -4.09
C GLY B 25 13.47 -3.55 -3.93
N SER B 26 12.26 -3.07 -3.62
CA SER B 26 12.07 -1.60 -3.69
C SER B 26 12.22 -1.07 -2.28
N ALA B 27 12.42 0.24 -2.16
CA ALA B 27 12.51 0.90 -0.85
C ALA B 27 11.11 1.23 -0.32
N ILE B 28 10.92 1.14 0.99
CA ILE B 28 9.65 1.42 1.65
C ILE B 28 9.66 2.65 2.58
N GLN B 29 8.48 3.15 2.95
CA GLN B 29 8.24 4.23 3.90
C GLN B 29 7.45 3.57 5.04
N VAL B 30 7.98 3.58 6.26
CA VAL B 30 7.31 2.91 7.39
C VAL B 30 5.91 3.47 7.69
N LYS B 31 5.77 4.80 7.72
CA LYS B 31 4.51 5.50 8.00
C LYS B 31 3.38 5.21 6.99
N ASN B 32 3.72 4.72 5.79
CA ASN B 32 2.72 4.47 4.75
C ASN B 32 2.64 3.03 4.26
N ASP B 33 3.78 2.42 3.91
CA ASP B 33 3.80 1.08 3.34
C ASP B 33 3.74 -0.05 4.37
N LEU B 34 3.73 0.26 5.68
CA LEU B 34 3.77 -0.79 6.71
C LEU B 34 2.57 -0.85 7.64
N SER B 35 2.41 -1.99 8.34
CA SER B 35 1.35 -2.20 9.33
C SER B 35 1.99 -2.32 10.71
N GLY B 36 2.16 -1.17 11.38
CA GLY B 36 2.73 -1.12 12.71
C GLY B 36 4.24 -1.22 12.76
N GLY B 37 4.88 -0.84 11.65
CA GLY B 37 6.34 -0.88 11.55
C GLY B 37 6.93 -2.26 11.32
N VAL B 38 6.09 -3.26 11.03
CA VAL B 38 6.58 -4.62 10.80
C VAL B 38 6.96 -4.83 9.32
N LEU B 39 8.21 -5.19 9.03
CA LEU B 39 8.66 -5.43 7.66
C LEU B 39 8.03 -6.73 7.15
N ASN B 40 7.29 -6.67 6.02
CA ASN B 40 6.58 -7.82 5.50
C ASN B 40 6.95 -8.28 4.09
N ASP B 41 7.74 -7.48 3.34
CA ASP B 41 8.13 -7.79 1.96
C ASP B 41 9.31 -8.78 1.91
N TRP B 42 9.11 -10.01 2.36
CA TRP B 42 10.20 -10.98 2.42
C TRP B 42 10.24 -11.96 1.25
N SER B 43 11.42 -12.55 1.03
CA SER B 43 11.68 -13.53 -0.02
C SER B 43 12.28 -14.77 0.61
N ARG B 44 11.55 -15.89 0.59
CA ARG B 44 12.01 -17.15 1.15
C ARG B 44 13.01 -17.77 0.18
N ILE B 45 14.31 -17.43 0.30
CA ILE B 45 15.31 -17.95 -0.64
C ILE B 45 15.81 -19.34 -0.22
N THR B 46 16.24 -19.53 1.03
CA THR B 46 16.77 -20.80 1.50
C THR B 46 16.05 -21.22 2.78
N MET B 47 14.71 -21.21 2.76
CA MET B 47 13.93 -21.60 3.92
C MET B 47 13.74 -23.12 3.99
N ASN B 48 13.96 -23.70 5.18
CA ASN B 48 13.75 -25.12 5.41
C ASN B 48 12.27 -25.28 5.76
N PRO B 49 11.54 -26.12 5.03
CA PRO B 49 10.08 -26.23 5.26
C PRO B 49 9.66 -27.05 6.48
N LYS B 50 10.59 -27.85 7.02
CA LYS B 50 10.31 -28.71 8.17
C LYS B 50 10.25 -27.92 9.48
N VAL B 51 10.97 -26.76 9.56
CA VAL B 51 11.01 -26.00 10.80
C VAL B 51 10.42 -24.58 10.69
N PHE B 52 10.47 -23.93 9.51
CA PHE B 52 9.96 -22.57 9.41
C PHE B 52 8.80 -22.39 8.43
N LYS B 53 7.96 -21.36 8.70
CA LYS B 53 6.80 -21.01 7.88
C LYS B 53 6.63 -19.49 7.93
N LEU B 54 6.74 -18.81 6.78
CA LEU B 54 6.60 -17.35 6.72
C LEU B 54 5.20 -16.93 6.30
N HIS B 55 4.63 -15.97 7.04
CA HIS B 55 3.32 -15.39 6.75
C HIS B 55 3.61 -14.14 5.95
N PRO B 56 3.37 -14.14 4.63
CA PRO B 56 3.74 -12.98 3.81
C PRO B 56 3.11 -11.63 4.16
N ARG B 57 1.78 -11.56 4.30
CA ARG B 57 1.08 -10.29 4.58
C ARG B 57 1.50 -9.63 5.90
N SER B 58 1.90 -10.42 6.90
CA SER B 58 2.30 -9.86 8.20
C SER B 58 3.82 -9.71 8.33
N GLY B 59 4.56 -10.65 7.74
CA GLY B 59 6.01 -10.66 7.82
C GLY B 59 6.54 -11.37 9.05
N GLU B 60 5.80 -12.38 9.52
CA GLU B 60 6.13 -13.17 10.72
C GLU B 60 6.75 -14.50 10.38
N LEU B 61 7.88 -14.79 10.99
CA LEU B 61 8.59 -16.04 10.78
C LEU B 61 8.17 -17.01 11.86
N GLU B 62 7.25 -17.90 11.53
CA GLU B 62 6.71 -18.86 12.48
C GLU B 62 7.54 -20.14 12.55
N VAL B 63 7.86 -20.57 13.77
CA VAL B 63 8.57 -21.83 14.01
C VAL B 63 7.57 -22.99 14.11
N LEU B 64 8.04 -24.20 13.86
CA LEU B 64 7.23 -25.41 13.90
C LEU B 64 7.75 -26.43 14.94
N VAL B 65 9.00 -26.25 15.40
CA VAL B 65 9.66 -27.16 16.34
C VAL B 65 10.21 -26.38 17.54
N ASP B 66 9.99 -26.90 18.77
CA ASP B 66 10.49 -26.29 20.01
C ASP B 66 12.01 -26.46 20.07
N GLY B 67 12.77 -25.37 20.07
CA GLY B 67 14.23 -25.48 20.14
C GLY B 67 14.97 -24.22 20.49
N THR B 68 16.29 -24.25 20.33
CA THR B 68 17.18 -23.11 20.59
C THR B 68 17.45 -22.45 19.26
N TYR B 69 17.11 -21.17 19.14
CA TYR B 69 17.24 -20.48 17.87
C TYR B 69 18.16 -19.29 17.87
N PHE B 70 19.11 -19.26 16.93
CA PHE B 70 19.98 -18.11 16.75
C PHE B 70 19.30 -17.29 15.67
N ILE B 71 18.87 -16.07 16.00
CA ILE B 71 18.14 -15.19 15.11
C ILE B 71 18.95 -13.97 14.75
N TYR B 72 19.13 -13.71 13.46
CA TYR B 72 19.85 -12.53 13.01
C TYR B 72 18.97 -11.70 12.10
N SER B 73 19.29 -10.42 11.99
CA SER B 73 18.55 -9.51 11.13
C SER B 73 19.33 -8.25 10.82
N GLN B 74 19.00 -7.64 9.70
CA GLN B 74 19.66 -6.43 9.27
C GLN B 74 18.65 -5.56 8.54
N VAL B 75 18.65 -4.28 8.86
CA VAL B 75 17.78 -3.35 8.17
C VAL B 75 18.62 -2.20 7.62
N GLU B 76 18.40 -1.81 6.34
CA GLU B 76 19.07 -0.64 5.80
C GLU B 76 18.16 0.60 5.87
N VAL B 77 18.43 1.52 6.79
CA VAL B 77 17.69 2.76 6.94
C VAL B 77 18.49 3.86 6.27
N TYR B 78 17.83 4.68 5.43
CA TYR B 78 18.55 5.75 4.76
C TYR B 78 17.91 7.15 4.89
N TYR B 79 16.72 7.29 5.53
CA TYR B 79 16.09 8.60 5.70
C TYR B 79 15.17 8.64 6.91
N ILE B 80 15.33 9.68 7.75
CA ILE B 80 14.55 9.82 8.98
C ILE B 80 14.08 11.25 9.17
N ASN B 81 12.91 11.39 9.77
CA ASN B 81 12.36 12.74 10.08
C ASN B 81 11.84 12.68 11.52
N PHE B 82 12.17 13.67 12.34
CA PHE B 82 11.62 13.77 13.72
C PHE B 82 12.19 12.77 14.72
N THR B 83 13.47 12.36 14.57
CA THR B 83 13.99 11.33 15.51
C THR B 83 15.44 11.48 16.02
N ASP B 84 16.45 11.77 15.19
CA ASP B 84 17.89 11.82 15.59
C ASP B 84 18.49 10.42 15.74
N PHE B 85 17.67 9.38 15.61
CA PHE B 85 18.12 8.01 15.74
C PHE B 85 17.06 7.04 15.20
N ALA B 86 17.49 6.01 14.48
CA ALA B 86 16.58 4.98 14.00
C ALA B 86 16.71 3.78 14.93
N SER B 87 15.60 3.07 15.17
CA SER B 87 15.65 1.90 16.05
C SER B 87 14.61 0.87 15.67
N TYR B 88 14.95 -0.40 15.87
CA TYR B 88 14.03 -1.49 15.62
C TYR B 88 14.16 -2.62 16.66
N GLU B 89 13.14 -3.46 16.75
CA GLU B 89 13.07 -4.60 17.64
C GLU B 89 12.89 -5.92 16.87
N VAL B 90 13.45 -7.00 17.41
CA VAL B 90 13.22 -8.33 16.89
C VAL B 90 12.23 -8.88 17.90
N VAL B 91 10.95 -8.84 17.53
CA VAL B 91 9.89 -9.23 18.44
C VAL B 91 9.56 -10.71 18.37
N VAL B 92 9.38 -11.30 19.55
CA VAL B 92 9.03 -12.68 19.80
C VAL B 92 7.62 -12.57 20.37
N ASP B 93 6.62 -12.81 19.51
CA ASP B 93 5.19 -12.74 19.80
C ASP B 93 4.72 -11.34 20.21
N GLU B 94 5.09 -10.32 19.41
CA GLU B 94 4.74 -8.91 19.68
C GLU B 94 5.29 -8.43 21.04
N LYS B 95 6.44 -8.99 21.46
CA LYS B 95 7.13 -8.72 22.72
C LYS B 95 8.62 -8.67 22.37
N PRO B 96 9.33 -7.61 22.78
CA PRO B 96 10.73 -7.46 22.36
C PRO B 96 11.73 -8.45 22.96
N PHE B 97 12.73 -8.86 22.16
CA PHE B 97 13.83 -9.76 22.56
C PHE B 97 15.18 -9.04 22.31
N LEU B 98 15.48 -8.71 21.06
CA LEU B 98 16.65 -7.95 20.66
C LEU B 98 16.21 -6.54 20.22
N GLN B 99 17.15 -5.61 20.16
CA GLN B 99 16.91 -4.26 19.70
C GLN B 99 18.17 -3.74 19.07
N CYS B 100 18.03 -3.13 17.90
CA CYS B 100 19.15 -2.49 17.23
C CYS B 100 18.79 -1.04 17.04
N THR B 101 19.63 -0.14 17.57
CA THR B 101 19.40 1.29 17.43
C THR B 101 20.67 1.93 16.87
N ARG B 102 20.50 2.93 16.02
CA ARG B 102 21.62 3.61 15.40
C ARG B 102 21.32 5.09 15.30
N SER B 103 22.24 5.94 15.76
CA SER B 103 22.04 7.37 15.67
C SER B 103 22.34 7.80 14.24
N ILE B 104 21.38 8.47 13.61
CA ILE B 104 21.50 8.87 12.21
C ILE B 104 21.15 10.34 12.06
N GLU B 105 21.83 11.04 11.13
CA GLU B 105 21.57 12.45 10.86
C GLU B 105 20.13 12.62 10.35
N THR B 106 19.33 13.40 11.08
CA THR B 106 17.92 13.62 10.76
C THR B 106 17.72 14.69 9.67
N GLY B 107 16.88 14.36 8.69
CA GLY B 107 16.53 15.26 7.60
C GLY B 107 17.27 15.03 6.30
N LYS B 108 18.28 14.14 6.31
CA LYS B 108 19.06 13.86 5.10
C LYS B 108 19.35 12.37 4.89
N THR B 109 19.72 12.00 3.63
CA THR B 109 20.03 10.62 3.29
C THR B 109 21.32 10.15 3.92
N ASN B 110 21.23 9.07 4.70
CA ASN B 110 22.31 8.43 5.42
C ASN B 110 22.22 6.92 5.26
N TYR B 111 23.02 6.34 4.37
CA TYR B 111 23.00 4.90 4.15
C TYR B 111 23.60 4.18 5.36
N ASN B 112 22.78 3.40 6.07
CA ASN B 112 23.23 2.64 7.24
C ASN B 112 22.55 1.30 7.31
N THR B 113 23.33 0.22 7.34
CA THR B 113 22.77 -1.11 7.59
C THR B 113 22.90 -1.31 9.10
N CYS B 114 21.89 -1.87 9.73
CA CYS B 114 21.85 -2.03 11.18
C CYS B 114 21.57 -3.48 11.50
N TYR B 115 22.59 -4.15 12.00
CA TYR B 115 22.53 -5.58 12.27
C TYR B 115 22.40 -5.92 13.73
N THR B 116 21.55 -6.90 14.03
CA THR B 116 21.41 -7.41 15.39
C THR B 116 21.19 -8.93 15.34
N ALA B 117 21.75 -9.67 16.30
CA ALA B 117 21.58 -11.12 16.36
C ALA B 117 21.62 -11.63 17.79
N GLY B 118 20.94 -12.72 18.07
CA GLY B 118 20.90 -13.29 19.40
C GLY B 118 20.39 -14.72 19.45
N VAL B 119 20.44 -15.35 20.62
CA VAL B 119 19.97 -16.72 20.76
C VAL B 119 18.93 -16.82 21.89
N CYS B 120 17.84 -17.58 21.67
CA CYS B 120 16.80 -17.77 22.68
C CYS B 120 15.99 -19.05 22.42
N LEU B 121 15.41 -19.60 23.49
CA LEU B 121 14.59 -20.79 23.37
C LEU B 121 13.21 -20.38 22.85
N LEU B 122 12.67 -21.18 21.90
CA LEU B 122 11.37 -20.93 21.28
C LEU B 122 10.44 -22.13 21.37
N LYS B 123 9.13 -21.84 21.30
CA LYS B 123 8.08 -22.90 21.37
C LYS B 123 7.34 -22.88 20.04
N ALA B 124 6.76 -24.00 19.61
CA ALA B 124 6.16 -24.05 18.26
C ALA B 124 5.06 -23.01 18.02
N ARG B 125 4.86 -22.62 16.76
CA ARG B 125 3.88 -21.63 16.32
C ARG B 125 4.17 -20.24 16.91
N GLN B 126 5.44 -19.92 17.10
CA GLN B 126 5.90 -18.65 17.64
C GLN B 126 6.23 -17.67 16.49
N LYS B 127 5.60 -16.48 16.50
CA LYS B 127 5.76 -15.43 15.47
C LYS B 127 6.94 -14.48 15.75
N ILE B 128 7.98 -14.52 14.90
CA ILE B 128 9.14 -13.60 15.03
C ILE B 128 9.02 -12.52 13.96
N ALA B 129 9.24 -11.25 14.31
CA ALA B 129 9.11 -10.17 13.32
C ALA B 129 10.16 -9.04 13.45
N VAL B 130 10.34 -8.21 12.41
CA VAL B 130 11.25 -7.07 12.48
C VAL B 130 10.40 -5.80 12.58
N LYS B 131 10.42 -5.12 13.75
CA LYS B 131 9.56 -3.97 13.95
C LYS B 131 10.29 -2.65 14.22
N MET B 132 10.05 -1.65 13.38
CA MET B 132 10.61 -0.31 13.53
C MET B 132 9.86 0.42 14.63
N VAL B 133 10.57 1.09 15.57
CA VAL B 133 9.90 1.78 16.66
C VAL B 133 9.41 3.18 16.22
N HIS B 134 10.11 3.82 15.27
CA HIS B 134 9.67 5.11 14.74
C HIS B 134 8.88 4.94 13.44
N ALA B 135 8.09 5.95 13.09
CA ALA B 135 7.26 5.88 11.90
C ALA B 135 7.88 6.49 10.64
N ASP B 136 8.52 7.67 10.74
CA ASP B 136 9.02 8.34 9.56
C ASP B 136 10.38 7.87 9.09
N ILE B 137 10.44 6.62 8.65
CA ILE B 137 11.68 6.00 8.18
C ILE B 137 11.55 5.53 6.75
N SER B 138 12.62 5.72 5.97
CA SER B 138 12.75 5.20 4.63
C SER B 138 13.76 4.04 4.75
N ILE B 139 13.31 2.83 4.42
CA ILE B 139 14.15 1.64 4.48
C ILE B 139 14.36 1.13 3.07
N ASN B 140 15.60 0.78 2.72
CA ASN B 140 15.88 0.20 1.42
C ASN B 140 15.84 -1.31 1.60
N MET B 141 14.74 -1.92 1.13
CA MET B 141 14.51 -3.36 1.21
C MET B 141 15.29 -4.10 0.12
N SER B 142 16.60 -3.93 0.11
CA SER B 142 17.45 -4.61 -0.85
C SER B 142 17.65 -6.06 -0.37
N LYS B 143 17.90 -6.99 -1.31
CA LYS B 143 18.18 -8.38 -0.93
C LYS B 143 19.58 -8.54 -0.28
N HIS B 144 20.46 -7.55 -0.39
CA HIS B 144 21.79 -7.62 0.19
C HIS B 144 21.96 -6.75 1.43
N THR B 145 21.11 -5.73 1.61
CA THR B 145 21.20 -4.86 2.79
C THR B 145 20.10 -5.12 3.85
N THR B 146 18.97 -5.72 3.46
CA THR B 146 17.91 -6.02 4.42
C THR B 146 17.57 -7.51 4.36
N PHE B 147 17.77 -8.20 5.47
CA PHE B 147 17.52 -9.64 5.54
C PHE B 147 17.12 -10.05 6.93
N PHE B 148 16.46 -11.19 7.04
CA PHE B 148 16.00 -11.68 8.33
C PHE B 148 16.21 -13.18 8.37
N GLY B 149 16.95 -13.67 9.36
CA GLY B 149 17.22 -15.10 9.47
C GLY B 149 17.10 -15.72 10.84
N ALA B 150 17.07 -17.05 10.86
CA ALA B 150 16.96 -17.87 12.07
C ALA B 150 17.61 -19.25 11.82
N ILE B 151 18.20 -19.85 12.87
CA ILE B 151 18.87 -21.14 12.76
C ILE B 151 18.55 -22.01 13.97
N ARG B 152 17.92 -23.19 13.78
CA ARG B 152 17.67 -24.07 14.91
C ARG B 152 19.01 -24.73 15.21
N LEU B 153 19.61 -24.36 16.33
CA LEU B 153 20.90 -24.91 16.72
C LEU B 153 20.74 -26.34 17.23
N GLY B 154 19.71 -26.58 18.03
CA GLY B 154 19.46 -27.90 18.56
C GLY B 154 18.33 -27.93 19.57
N GLU B 155 18.43 -28.88 20.51
CA GLU B 155 17.47 -29.15 21.56
C GLU B 155 17.41 -28.02 22.60
N ALA B 156 16.20 -27.73 23.13
CA ALA B 156 15.98 -26.71 24.14
C ALA B 156 16.28 -27.26 25.55
N PRO B 157 17.21 -26.65 26.31
CA PRO B 157 17.51 -27.18 27.65
C PRO B 157 16.42 -26.88 28.68
N CYS C 17 -1.10 -30.19 -12.25
CA CYS C 17 -0.38 -29.09 -11.65
C CYS C 17 -0.40 -27.89 -12.59
N GLN C 18 -1.43 -27.05 -12.50
CA GLN C 18 -1.55 -25.88 -13.35
C GLN C 18 -0.77 -24.68 -12.82
N GLU C 19 -0.54 -23.69 -13.69
CA GLU C 19 0.17 -22.46 -13.36
C GLU C 19 -0.76 -21.54 -12.58
N CYS C 20 -0.25 -20.90 -11.51
CA CYS C 20 -1.00 -19.94 -10.69
C CYS C 20 -1.50 -18.78 -11.57
N PRO C 21 -2.78 -18.36 -11.45
CA PRO C 21 -3.32 -17.33 -12.35
C PRO C 21 -2.53 -16.02 -12.41
N PRO C 22 -1.87 -15.78 -13.54
CA PRO C 22 -1.08 -14.57 -13.67
C PRO C 22 -1.90 -13.27 -13.68
N CYS C 23 -1.25 -12.24 -13.17
CA CYS C 23 -1.71 -10.89 -12.98
C CYS C 23 -1.27 -10.00 -14.12
N GLY C 24 -2.01 -8.93 -14.33
CA GLY C 24 -1.66 -7.96 -15.35
C GLY C 24 -0.74 -6.88 -14.82
N PRO C 25 -0.21 -6.05 -15.73
CA PRO C 25 0.64 -4.93 -15.28
C PRO C 25 -0.22 -3.93 -14.50
N GLY C 26 0.33 -3.43 -13.39
CA GLY C 26 -0.36 -2.51 -12.49
C GLY C 26 -1.39 -3.22 -11.62
N GLU C 27 -1.16 -4.50 -11.34
CA GLU C 27 -2.04 -5.33 -10.55
C GLU C 27 -1.20 -6.38 -9.83
N GLU C 28 -1.48 -6.60 -8.55
CA GLU C 28 -0.73 -7.53 -7.73
C GLU C 28 -1.60 -8.69 -7.24
N PRO C 29 -0.99 -9.83 -6.86
CA PRO C 29 -1.81 -10.96 -6.37
C PRO C 29 -2.62 -10.66 -5.12
N TYR C 30 -3.84 -11.17 -5.08
CA TYR C 30 -4.70 -11.08 -3.92
C TYR C 30 -4.84 -12.55 -3.47
N LEU C 31 -4.07 -12.96 -2.45
CA LEU C 31 -4.16 -14.34 -1.95
C LEU C 31 -5.14 -14.41 -0.78
N SER C 32 -5.85 -15.55 -0.63
CA SER C 32 -6.80 -15.78 0.46
C SER C 32 -6.92 -17.27 0.79
N ASP C 39 -14.93 -21.48 -1.53
CA ASP C 39 -13.94 -21.49 -2.60
C ASP C 39 -12.91 -20.37 -2.42
N GLU C 40 -11.64 -20.65 -2.75
CA GLU C 40 -10.58 -19.67 -2.58
C GLU C 40 -10.80 -18.47 -3.48
N ASP C 41 -10.76 -17.28 -2.86
CA ASP C 41 -10.96 -16.05 -3.59
C ASP C 41 -9.65 -15.46 -4.09
N TYR C 42 -8.71 -16.32 -4.53
CA TYR C 42 -7.43 -15.85 -5.07
C TYR C 42 -7.69 -15.09 -6.38
N GLY C 43 -7.15 -13.88 -6.46
CA GLY C 43 -7.35 -13.07 -7.64
C GLY C 43 -6.28 -12.03 -7.84
N CYS C 44 -6.67 -10.90 -8.45
CA CYS C 44 -5.73 -9.85 -8.75
C CYS C 44 -6.32 -8.46 -8.49
N VAL C 45 -5.72 -7.73 -7.54
CA VAL C 45 -6.17 -6.38 -7.16
C VAL C 45 -5.26 -5.29 -7.77
N PRO C 46 -5.78 -4.08 -8.04
CA PRO C 46 -4.93 -3.03 -8.64
C PRO C 46 -3.83 -2.49 -7.73
N CYS C 47 -3.04 -1.55 -8.23
CA CYS C 47 -1.88 -1.09 -7.43
C CYS C 47 -2.15 0.29 -6.82
N PRO C 48 -1.78 0.53 -5.55
CA PRO C 48 -1.93 1.84 -4.90
C PRO C 48 -1.30 3.05 -5.63
N ALA C 49 -1.54 4.27 -5.16
CA ALA C 49 -1.11 5.49 -5.86
C ALA C 49 0.39 5.61 -6.19
N GLU C 50 1.27 5.35 -5.24
CA GLU C 50 2.71 5.59 -5.55
C GLU C 50 3.38 4.23 -5.70
N LYS C 51 2.70 3.33 -6.37
CA LYS C 51 3.21 1.97 -6.50
C LYS C 51 3.00 1.43 -7.93
N PHE C 52 3.70 0.34 -8.31
CA PHE C 52 3.60 -0.25 -9.62
C PHE C 52 3.80 -1.80 -9.60
N SER C 53 3.56 -2.48 -10.74
CA SER C 53 3.74 -3.93 -10.87
C SER C 53 3.98 -4.40 -12.32
N LYS C 54 5.23 -4.74 -12.68
CA LYS C 54 5.52 -5.27 -14.03
C LYS C 54 5.50 -6.81 -13.97
N GLY C 55 4.50 -7.37 -13.26
CA GLY C 55 4.46 -8.82 -13.06
C GLY C 55 3.15 -9.55 -13.14
N GLY C 56 3.29 -10.87 -13.15
CA GLY C 56 2.22 -11.88 -13.18
C GLY C 56 2.01 -12.50 -11.81
N TYR C 57 3.06 -12.52 -10.98
CA TYR C 57 3.00 -12.95 -9.58
C TYR C 57 3.77 -11.98 -8.64
N GLN C 58 4.28 -10.85 -9.20
CA GLN C 58 5.00 -9.82 -8.47
C GLN C 58 4.02 -9.00 -7.65
N ILE C 59 4.34 -8.81 -6.37
CA ILE C 59 3.53 -7.97 -5.52
C ILE C 59 3.83 -6.48 -5.82
N CYS C 60 2.94 -5.61 -5.39
CA CYS C 60 3.04 -4.19 -5.67
C CYS C 60 4.15 -3.52 -4.86
N ARG C 61 5.01 -2.75 -5.52
CA ARG C 61 6.10 -2.08 -4.84
C ARG C 61 6.14 -0.58 -5.09
N ARG C 62 6.67 0.18 -4.13
CA ARG C 62 6.75 1.64 -4.17
C ARG C 62 7.59 2.18 -5.34
N HIS C 63 7.37 3.45 -5.70
CA HIS C 63 8.12 4.08 -6.77
C HIS C 63 9.57 4.37 -6.34
N LYS C 64 10.48 4.47 -7.34
CA LYS C 64 11.90 4.76 -7.13
C LYS C 64 12.05 6.10 -6.39
N ASP C 65 12.97 6.16 -5.43
CA ASP C 65 13.14 7.38 -4.64
C ASP C 65 14.06 8.43 -5.30
N CYS C 66 13.66 9.71 -5.22
CA CYS C 66 14.49 10.79 -5.74
C CYS C 66 15.62 11.06 -4.75
N GLU C 67 15.31 11.10 -3.45
CA GLU C 67 16.31 11.32 -2.39
C GLU C 67 17.09 10.06 -1.99
N GLY C 68 16.55 8.88 -2.28
CA GLY C 68 17.24 7.61 -2.03
C GLY C 68 18.40 7.40 -2.99
N PHE C 69 18.30 7.99 -4.19
CA PHE C 69 19.32 8.00 -5.24
C PHE C 69 20.04 9.37 -5.34
N PHE C 70 19.51 10.42 -4.68
CA PHE C 70 19.99 11.82 -4.65
C PHE C 70 19.64 12.59 -5.96
N ARG C 71 18.85 11.97 -6.87
CA ARG C 71 18.47 12.44 -8.21
C ARG C 71 17.10 13.18 -8.32
N ALA C 72 16.70 13.52 -9.57
CA ALA C 72 15.46 14.17 -10.01
C ALA C 72 14.65 13.18 -10.89
N THR C 73 13.35 13.45 -11.13
CA THR C 73 12.52 12.53 -11.94
C THR C 73 12.36 12.95 -13.41
N VAL C 74 12.96 12.19 -14.34
CA VAL C 74 12.80 12.49 -15.77
C VAL C 74 11.51 11.83 -16.29
N LEU C 75 11.26 10.58 -15.88
CA LEU C 75 10.06 9.87 -16.29
C LEU C 75 9.17 9.66 -15.07
N THR C 76 8.12 10.48 -14.94
CA THR C 76 7.19 10.40 -13.80
C THR C 76 6.52 9.03 -13.77
N PRO C 77 6.55 8.37 -12.61
CA PRO C 77 6.04 6.99 -12.52
C PRO C 77 4.53 6.76 -12.61
N GLY C 78 4.16 5.53 -12.96
CA GLY C 78 2.77 5.16 -13.11
C GLY C 78 2.42 3.81 -12.52
N ASP C 79 1.20 3.32 -12.76
CA ASP C 79 0.75 2.07 -12.09
C ASP C 79 1.30 0.81 -12.73
N MET C 80 1.58 0.82 -14.02
CA MET C 80 1.93 -0.47 -14.69
C MET C 80 3.17 -0.36 -15.54
N GLU C 81 4.03 -1.37 -15.51
CA GLU C 81 5.21 -1.36 -16.42
C GLU C 81 5.70 0.08 -16.42
N ASN C 82 5.48 0.75 -15.29
CA ASN C 82 5.88 2.13 -15.19
C ASN C 82 6.52 2.44 -13.84
N ASP C 83 7.82 2.24 -13.73
CA ASP C 83 8.56 2.61 -12.53
C ASP C 83 9.14 4.01 -12.78
N ALA C 84 9.47 4.73 -11.70
CA ALA C 84 10.04 6.06 -11.81
C ALA C 84 11.45 5.96 -12.37
N GLU C 85 11.76 6.73 -13.42
CA GLU C 85 13.12 6.74 -13.95
C GLU C 85 13.74 8.07 -13.60
N CYS C 86 14.90 8.05 -12.96
CA CYS C 86 15.58 9.26 -12.56
C CYS C 86 16.37 9.89 -13.73
N GLY C 87 16.63 11.18 -13.63
CA GLY C 87 17.43 11.91 -14.61
C GLY C 87 18.70 12.38 -13.93
N PRO C 88 19.06 13.66 -14.09
CA PRO C 88 20.25 14.17 -13.36
C PRO C 88 20.02 14.28 -11.84
N CYS C 89 20.97 14.84 -11.08
CA CYS C 89 20.81 14.94 -9.62
C CYS C 89 21.36 16.22 -9.03
N LEU C 90 20.72 17.36 -9.29
CA LEU C 90 21.19 18.65 -8.75
C LEU C 90 20.16 19.41 -7.87
N PRO C 91 19.61 18.80 -6.80
CA PRO C 91 18.63 19.54 -5.98
C PRO C 91 19.26 20.64 -5.12
N PRO C 100 23.65 18.52 -2.63
CA PRO C 100 23.36 19.85 -3.16
C PRO C 100 23.54 19.94 -4.68
N ARG C 101 24.68 19.46 -5.19
CA ARG C 101 24.99 19.43 -6.62
C ARG C 101 25.73 18.12 -6.89
N ASN C 102 24.97 17.05 -7.14
CA ASN C 102 25.49 15.70 -7.33
C ASN C 102 25.50 15.28 -8.80
N ILE C 103 26.68 14.93 -9.37
CA ILE C 103 26.75 14.49 -10.78
C ILE C 103 27.67 13.26 -10.94
N TYR C 104 27.09 12.06 -10.77
CA TYR C 104 27.82 10.79 -11.00
C TYR C 104 26.83 9.81 -11.64
N GLY C 105 27.27 8.69 -12.22
CA GLY C 105 26.38 7.79 -12.99
C GLY C 105 25.26 6.99 -12.33
N MET C 106 25.50 6.29 -11.23
CA MET C 106 24.43 5.41 -10.65
C MET C 106 23.87 6.03 -9.37
N VAL C 107 24.60 5.93 -8.27
CA VAL C 107 24.17 6.66 -7.09
C VAL C 107 25.09 7.87 -7.05
N CYS C 108 24.56 9.08 -7.23
CA CYS C 108 25.37 10.28 -7.26
C CYS C 108 25.46 10.98 -5.91
N TYR C 109 26.57 11.67 -5.65
CA TYR C 109 26.78 12.42 -4.41
C TYR C 109 27.50 13.77 -4.63
N SER C 110 27.65 14.61 -3.57
CA SER C 110 28.32 15.92 -3.65
C SER C 110 29.74 15.82 -4.20
#